data_1ZKL
#
_entry.id   1ZKL
#
_cell.length_a   115.751
_cell.length_b   115.751
_cell.length_c   64.290
_cell.angle_alpha   90.00
_cell.angle_beta   90.00
_cell.angle_gamma   120.00
#
_symmetry.space_group_name_H-M   'P 31 2 1'
#
loop_
_entity.id
_entity.type
_entity.pdbx_description
1 polymer "High-affinity cAMP-specific 3',5'-cyclic phosphodiesterase 7A"
2 non-polymer 'ZINC ION'
3 non-polymer 'MAGNESIUM ION'
4 non-polymer 3-ISOBUTYL-1-METHYLXANTHINE
5 water water
#
_entity_poly.entity_id   1
_entity_poly.type   'polypeptide(L)'
_entity_poly.pdbx_seq_one_letter_code
;SNSLNILDDDYNGQAKCMLEKVGNWNFDIFLFDRLTNGNSLVSLTFHLFSLHGLIEYFHLDMMKLRRFLVMIQEDYHSQN
PYHNAVHAADVTQAMHCYLKEPKLANSVTPWDILLSLIAAATHDLDHPGVNQPFLIKTNHYLATLYKNTSVLENHHWRSA
VGLLRESGLFSHLPLESRQQMETQIGALILATDISRQNEYLSLFRSHLDRGDLCLEDTRHRHLVLQMALKCADICNPCRT
WELSKQWSEKVTEEFFHQGDIEKKYHLGVSPLCDRHTESIANIQIGFMTYLVEPLFTEWARFSNTRLSQTMLGHVGLNKA
SWKGLQREQSSSEDTDAAFELNSQLLPQENRLS
;
_entity_poly.pdbx_strand_id   A
#
loop_
_chem_comp.id
_chem_comp.type
_chem_comp.name
_chem_comp.formula
IBM non-polymer 3-ISOBUTYL-1-METHYLXANTHINE 'C10 H14 N4 O2'
MG non-polymer 'MAGNESIUM ION' 'Mg 2'
ZN non-polymer 'ZINC ION' 'Zn 2'
#
# COMPACT_ATOMS: atom_id res chain seq x y z
N ASP A 10 -0.57 -5.23 29.34
CA ASP A 10 -0.83 -3.78 29.58
C ASP A 10 -0.85 -3.01 28.26
N TYR A 11 0.31 -2.92 27.62
CA TYR A 11 0.42 -2.23 26.35
C TYR A 11 -0.45 -2.97 25.34
N ASN A 12 -0.63 -4.27 25.59
CA ASN A 12 -1.44 -5.11 24.73
C ASN A 12 -2.91 -4.68 24.85
N GLY A 13 -3.30 -4.28 26.06
CA GLY A 13 -4.66 -3.83 26.29
C GLY A 13 -4.90 -2.48 25.65
N GLN A 14 -3.85 -1.66 25.62
CA GLN A 14 -3.94 -0.33 25.03
C GLN A 14 -4.05 -0.47 23.51
N ALA A 15 -3.51 -1.58 23.01
CA ALA A 15 -3.53 -1.88 21.58
C ALA A 15 -4.95 -2.21 21.14
N LYS A 16 -5.66 -2.99 21.96
CA LYS A 16 -7.03 -3.36 21.65
C LYS A 16 -7.89 -2.11 21.49
N CYS A 17 -7.75 -1.18 22.42
CA CYS A 17 -8.52 0.05 22.39
C CYS A 17 -8.28 0.83 21.10
N MET A 18 -7.03 0.86 20.64
CA MET A 18 -6.71 1.56 19.41
C MET A 18 -7.48 0.99 18.24
N LEU A 19 -7.62 -0.33 18.21
CA LEU A 19 -8.34 -1.00 17.12
C LEU A 19 -9.81 -0.62 17.05
N GLU A 20 -10.34 -0.03 18.12
CA GLU A 20 -11.74 0.39 18.13
C GLU A 20 -11.89 1.55 17.16
N LYS A 21 -10.77 2.21 16.87
CA LYS A 21 -10.78 3.34 15.94
C LYS A 21 -9.95 3.05 14.70
N VAL A 22 -9.91 1.77 14.31
CA VAL A 22 -9.14 1.36 13.14
C VAL A 22 -9.72 1.99 11.88
N GLY A 23 -10.95 2.51 11.98
CA GLY A 23 -11.58 3.14 10.84
C GLY A 23 -11.34 4.64 10.76
N ASN A 24 -10.59 5.18 11.72
CA ASN A 24 -10.30 6.60 11.73
C ASN A 24 -9.09 6.97 10.89
N TRP A 25 -9.21 8.03 10.11
CA TRP A 25 -8.12 8.48 9.25
C TRP A 25 -6.91 8.93 10.06
N ASN A 26 -7.13 9.25 11.33
CA ASN A 26 -6.03 9.69 12.21
C ASN A 26 -5.42 8.56 13.05
N PHE A 27 -5.75 7.32 12.71
CA PHE A 27 -5.19 6.16 13.41
C PHE A 27 -3.68 6.35 13.41
N ASP A 28 -3.03 6.04 14.53
CA ASP A 28 -1.58 6.19 14.65
C ASP A 28 -0.88 4.82 14.57
N ILE A 29 -0.48 4.43 13.35
CA ILE A 29 0.16 3.14 13.14
C ILE A 29 1.52 3.01 13.84
N PHE A 30 2.23 4.12 13.98
CA PHE A 30 3.54 4.10 14.64
C PHE A 30 3.39 3.68 16.09
N LEU A 31 2.42 4.29 16.78
CA LEU A 31 2.18 3.94 18.17
C LEU A 31 1.69 2.51 18.27
N PHE A 32 0.81 2.11 17.34
CA PHE A 32 0.27 0.76 17.36
C PHE A 32 1.37 -0.29 17.24
N ASP A 33 2.36 -0.04 16.37
CA ASP A 33 3.45 -0.98 16.19
C ASP A 33 4.34 -1.03 17.43
N ARG A 34 4.54 0.10 18.09
CA ARG A 34 5.37 0.11 19.29
C ARG A 34 4.71 -0.70 20.39
N LEU A 35 3.42 -0.48 20.59
CA LEU A 35 2.66 -1.19 21.63
C LEU A 35 2.61 -2.70 21.39
N THR A 36 2.60 -3.12 20.13
CA THR A 36 2.54 -4.55 19.81
C THR A 36 3.92 -5.16 19.59
N ASN A 37 4.97 -4.44 19.97
CA ASN A 37 6.34 -4.94 19.80
C ASN A 37 6.62 -5.34 18.37
N GLY A 38 6.16 -4.54 17.41
CA GLY A 38 6.42 -4.83 16.00
C GLY A 38 5.46 -5.80 15.34
N ASN A 39 4.28 -5.99 15.92
CA ASN A 39 3.30 -6.93 15.38
C ASN A 39 2.11 -6.20 14.74
N SER A 40 2.32 -4.96 14.31
CA SER A 40 1.22 -4.18 13.73
C SER A 40 0.52 -4.81 12.53
N LEU A 41 1.27 -5.29 11.54
CA LEU A 41 0.63 -5.89 10.37
C LEU A 41 -0.23 -7.10 10.73
N VAL A 42 0.30 -7.98 11.56
CA VAL A 42 -0.44 -9.17 11.96
C VAL A 42 -1.67 -8.83 12.82
N SER A 43 -1.46 -8.02 13.85
CA SER A 43 -2.57 -7.66 14.73
C SER A 43 -3.68 -6.90 14.02
N LEU A 44 -3.31 -5.91 13.22
CA LEU A 44 -4.29 -5.11 12.51
C LEU A 44 -5.04 -5.91 11.45
N THR A 45 -4.31 -6.63 10.62
CA THR A 45 -4.94 -7.40 9.55
C THR A 45 -5.84 -8.51 10.09
N PHE A 46 -5.41 -9.18 11.15
CA PHE A 46 -6.23 -10.25 11.73
C PHE A 46 -7.54 -9.63 12.22
N HIS A 47 -7.41 -8.46 12.87
CA HIS A 47 -8.58 -7.77 13.39
C HIS A 47 -9.54 -7.39 12.27
N LEU A 48 -8.99 -6.93 11.15
CA LEU A 48 -9.84 -6.55 10.01
C LEU A 48 -10.53 -7.76 9.40
N PHE A 49 -9.87 -8.91 9.41
CA PHE A 49 -10.50 -10.13 8.88
C PHE A 49 -11.73 -10.45 9.72
N SER A 50 -11.59 -10.28 11.03
CA SER A 50 -12.71 -10.55 11.94
C SER A 50 -13.79 -9.49 11.78
N LEU A 51 -13.38 -8.24 11.74
CA LEU A 51 -14.31 -7.12 11.61
C LEU A 51 -15.18 -7.22 10.36
N HIS A 52 -14.58 -7.67 9.24
CA HIS A 52 -15.32 -7.81 7.99
C HIS A 52 -15.99 -9.18 7.86
N GLY A 53 -15.92 -9.97 8.93
CA GLY A 53 -16.53 -11.29 8.95
C GLY A 53 -15.95 -12.32 8.00
N LEU A 54 -14.73 -12.09 7.55
CA LEU A 54 -14.09 -12.99 6.59
C LEU A 54 -13.75 -14.37 7.13
N ILE A 55 -13.47 -14.46 8.42
CA ILE A 55 -13.14 -15.75 9.01
C ILE A 55 -14.34 -16.70 8.89
N GLU A 56 -15.52 -16.18 9.19
CA GLU A 56 -16.76 -16.96 9.10
C GLU A 56 -17.21 -17.15 7.65
N TYR A 57 -17.16 -16.07 6.87
CA TYR A 57 -17.57 -16.12 5.46
C TYR A 57 -16.82 -17.17 4.66
N PHE A 58 -15.51 -17.29 4.90
CA PHE A 58 -14.71 -18.24 4.15
C PHE A 58 -14.23 -19.46 4.92
N HIS A 59 -14.87 -19.75 6.06
CA HIS A 59 -14.53 -20.91 6.88
C HIS A 59 -13.03 -21.03 7.13
N LEU A 60 -12.40 -19.92 7.50
CA LEU A 60 -10.96 -19.91 7.74
C LEU A 60 -10.53 -20.49 9.08
N ASP A 61 -9.39 -21.17 9.05
CA ASP A 61 -8.79 -21.77 10.24
C ASP A 61 -7.96 -20.62 10.82
N MET A 62 -8.33 -20.15 12.02
CA MET A 62 -7.61 -19.03 12.63
C MET A 62 -6.14 -19.31 12.88
N MET A 63 -5.79 -20.59 13.05
CA MET A 63 -4.40 -20.98 13.27
C MET A 63 -3.62 -20.73 11.98
N LYS A 64 -4.22 -21.10 10.85
CA LYS A 64 -3.58 -20.90 9.56
C LYS A 64 -3.53 -19.41 9.21
N LEU A 65 -4.55 -18.66 9.64
CA LEU A 65 -4.59 -17.23 9.35
C LEU A 65 -3.45 -16.51 10.05
N ARG A 66 -3.25 -16.79 11.34
CA ARG A 66 -2.15 -16.13 12.05
C ARG A 66 -0.81 -16.51 11.42
N ARG A 67 -0.65 -17.80 11.10
CA ARG A 67 0.59 -18.24 10.48
C ARG A 67 0.85 -17.51 9.18
N PHE A 68 -0.18 -17.38 8.36
CA PHE A 68 -0.05 -16.70 7.07
C PHE A 68 0.36 -15.23 7.27
N LEU A 69 -0.32 -14.55 8.17
CA LEU A 69 -0.03 -13.14 8.42
C LEU A 69 1.38 -12.96 8.97
N VAL A 70 1.82 -13.88 9.83
CA VAL A 70 3.16 -13.79 10.39
C VAL A 70 4.20 -14.01 9.30
N MET A 71 3.93 -14.95 8.40
CA MET A 71 4.84 -15.22 7.28
C MET A 71 5.06 -13.93 6.50
N ILE A 72 3.97 -13.24 6.21
CA ILE A 72 4.03 -11.99 5.45
C ILE A 72 4.82 -10.94 6.22
N GLN A 73 4.41 -10.69 7.45
CA GLN A 73 5.05 -9.68 8.28
C GLN A 73 6.56 -9.87 8.40
N GLU A 74 6.98 -11.09 8.66
CA GLU A 74 8.40 -11.37 8.85
C GLU A 74 9.21 -11.40 7.55
N ASP A 75 8.53 -11.39 6.41
CA ASP A 75 9.24 -11.40 5.13
C ASP A 75 9.50 -9.99 4.62
N TYR A 76 9.10 -8.99 5.39
CA TYR A 76 9.38 -7.61 5.06
C TYR A 76 10.73 -7.34 5.74
N HIS A 77 11.53 -6.45 5.18
CA HIS A 77 12.83 -6.12 5.77
C HIS A 77 12.66 -4.98 6.77
N SER A 78 12.67 -5.30 8.06
CA SER A 78 12.48 -4.27 9.08
C SER A 78 13.61 -3.25 9.08
N GLN A 79 14.72 -3.59 8.43
CA GLN A 79 15.85 -2.68 8.37
C GLN A 79 15.64 -1.55 7.36
N ASN A 80 14.68 -1.72 6.45
CA ASN A 80 14.40 -0.66 5.47
C ASN A 80 13.72 0.47 6.25
N PRO A 81 14.18 1.71 6.06
CA PRO A 81 13.52 2.78 6.80
C PRO A 81 12.05 3.00 6.43
N TYR A 82 11.69 2.71 5.18
CA TYR A 82 10.31 2.92 4.74
C TYR A 82 9.57 1.65 4.30
N HIS A 83 10.14 0.92 3.37
CA HIS A 83 9.48 -0.29 2.86
C HIS A 83 9.61 -1.49 3.78
N ASN A 84 8.85 -1.44 4.86
CA ASN A 84 8.83 -2.51 5.86
C ASN A 84 7.38 -2.83 6.20
N ALA A 85 7.19 -3.73 7.16
CA ALA A 85 5.84 -4.16 7.55
C ALA A 85 4.94 -3.05 8.10
N VAL A 86 5.53 -1.98 8.63
CA VAL A 86 4.70 -0.89 9.15
C VAL A 86 4.06 -0.14 7.99
N HIS A 87 4.79 0.00 6.89
CA HIS A 87 4.24 0.67 5.70
C HIS A 87 3.08 -0.20 5.20
N ALA A 88 3.30 -1.50 5.18
CA ALA A 88 2.26 -2.42 4.73
C ALA A 88 1.02 -2.32 5.62
N ALA A 89 1.22 -2.24 6.92
CA ALA A 89 0.09 -2.13 7.85
C ALA A 89 -0.64 -0.81 7.62
N ASP A 90 0.11 0.24 7.35
CA ASP A 90 -0.46 1.56 7.09
C ASP A 90 -1.34 1.54 5.84
N VAL A 91 -0.83 0.91 4.79
CA VAL A 91 -1.56 0.81 3.53
C VAL A 91 -2.83 -0.02 3.73
N THR A 92 -2.72 -1.08 4.53
CA THR A 92 -3.89 -1.93 4.79
C THR A 92 -4.95 -1.14 5.57
N GLN A 93 -4.50 -0.32 6.53
CA GLN A 93 -5.45 0.47 7.32
C GLN A 93 -6.14 1.50 6.43
N ALA A 94 -5.40 2.08 5.49
CA ALA A 94 -5.98 3.06 4.59
C ALA A 94 -6.98 2.35 3.67
N MET A 95 -6.59 1.19 3.15
CA MET A 95 -7.47 0.43 2.27
C MET A 95 -8.79 0.12 2.97
N HIS A 96 -8.71 -0.17 4.27
CA HIS A 96 -9.91 -0.46 5.06
C HIS A 96 -10.81 0.78 5.09
N CYS A 97 -10.22 1.95 5.27
CA CYS A 97 -11.00 3.18 5.30
C CYS A 97 -11.70 3.42 3.96
N TYR A 98 -11.04 3.07 2.87
CA TYR A 98 -11.61 3.24 1.55
C TYR A 98 -12.75 2.26 1.30
N LEU A 99 -12.59 1.04 1.82
CA LEU A 99 -13.63 0.01 1.65
C LEU A 99 -14.91 0.42 2.39
N LYS A 100 -14.77 1.32 3.36
CA LYS A 100 -15.91 1.79 4.13
C LYS A 100 -16.64 2.93 3.41
N GLU A 101 -16.01 3.48 2.37
CA GLU A 101 -16.63 4.55 1.58
C GLU A 101 -17.90 3.99 0.94
N PRO A 102 -19.00 4.77 0.99
CA PRO A 102 -20.30 4.37 0.44
C PRO A 102 -20.34 3.56 -0.86
N LYS A 103 -19.75 4.10 -1.92
CA LYS A 103 -19.79 3.40 -3.22
C LYS A 103 -19.12 2.04 -3.22
N LEU A 104 -18.09 1.85 -2.40
CA LEU A 104 -17.43 0.55 -2.34
C LEU A 104 -18.14 -0.34 -1.33
N ALA A 105 -18.48 0.24 -0.17
CA ALA A 105 -19.16 -0.52 0.87
C ALA A 105 -20.43 -1.18 0.35
N ASN A 106 -21.16 -0.47 -0.51
CA ASN A 106 -22.42 -0.99 -1.05
C ASN A 106 -22.28 -1.88 -2.28
N SER A 107 -21.05 -2.13 -2.72
CA SER A 107 -20.87 -2.98 -3.91
C SER A 107 -19.88 -4.13 -3.74
N VAL A 108 -18.89 -3.97 -2.88
CA VAL A 108 -17.91 -5.05 -2.71
C VAL A 108 -18.50 -6.27 -2.02
N THR A 109 -17.95 -7.43 -2.35
CA THR A 109 -18.38 -8.70 -1.76
C THR A 109 -17.30 -9.13 -0.77
N PRO A 110 -17.60 -10.12 0.08
CA PRO A 110 -16.60 -10.58 1.05
C PRO A 110 -15.30 -10.99 0.32
N TRP A 111 -15.45 -11.57 -0.86
CA TRP A 111 -14.31 -12.00 -1.67
C TRP A 111 -13.45 -10.80 -2.06
N ASP A 112 -14.09 -9.69 -2.45
CA ASP A 112 -13.35 -8.49 -2.83
C ASP A 112 -12.57 -7.92 -1.66
N ILE A 113 -13.21 -7.94 -0.48
CA ILE A 113 -12.58 -7.42 0.72
C ILE A 113 -11.39 -8.29 1.08
N LEU A 114 -11.58 -9.60 0.99
CA LEU A 114 -10.52 -10.56 1.29
C LEU A 114 -9.29 -10.28 0.41
N LEU A 115 -9.51 -10.16 -0.89
CA LEU A 115 -8.43 -9.90 -1.84
C LEU A 115 -7.78 -8.55 -1.62
N SER A 116 -8.60 -7.53 -1.34
CA SER A 116 -8.08 -6.17 -1.12
C SER A 116 -7.15 -6.11 0.07
N LEU A 117 -7.55 -6.74 1.18
CA LEU A 117 -6.72 -6.71 2.38
C LEU A 117 -5.44 -7.52 2.22
N ILE A 118 -5.53 -8.67 1.57
CA ILE A 118 -4.34 -9.48 1.37
C ILE A 118 -3.39 -8.74 0.43
N ALA A 119 -3.95 -8.12 -0.61
CA ALA A 119 -3.11 -7.37 -1.56
C ALA A 119 -2.41 -6.22 -0.83
N ALA A 120 -3.15 -5.48 -0.03
CA ALA A 120 -2.54 -4.37 0.71
C ALA A 120 -1.44 -4.85 1.65
N ALA A 121 -1.70 -5.93 2.38
CA ALA A 121 -0.72 -6.44 3.32
C ALA A 121 0.55 -6.96 2.67
N THR A 122 0.42 -7.48 1.44
CA THR A 122 1.56 -8.07 0.73
C THR A 122 2.11 -7.25 -0.43
N HIS A 123 1.56 -6.07 -0.68
CA HIS A 123 2.00 -5.30 -1.85
C HIS A 123 3.46 -4.91 -2.00
N ASP A 124 4.22 -4.89 -0.91
CA ASP A 124 5.64 -4.55 -0.96
C ASP A 124 6.48 -5.67 -0.34
N LEU A 125 5.91 -6.86 -0.28
CA LEU A 125 6.59 -8.00 0.33
C LEU A 125 8.03 -8.25 -0.12
N ASP A 126 8.93 -8.37 0.85
CA ASP A 126 10.34 -8.64 0.57
C ASP A 126 11.01 -7.58 -0.29
N HIS A 127 10.61 -6.32 -0.08
CA HIS A 127 11.17 -5.19 -0.82
C HIS A 127 12.63 -5.01 -0.34
N PRO A 128 13.58 -4.93 -1.29
CA PRO A 128 15.01 -4.77 -0.97
C PRO A 128 15.47 -3.38 -0.54
N GLY A 129 14.60 -2.38 -0.63
CA GLY A 129 15.00 -1.04 -0.23
C GLY A 129 15.64 -0.22 -1.33
N VAL A 130 15.61 -0.75 -2.56
CA VAL A 130 16.14 -0.05 -3.73
C VAL A 130 15.10 -0.19 -4.84
N ASN A 131 15.11 0.74 -5.79
CA ASN A 131 14.12 0.69 -6.87
C ASN A 131 14.48 -0.13 -8.10
N GLN A 132 13.54 -0.19 -9.04
CA GLN A 132 13.71 -0.96 -10.27
C GLN A 132 14.93 -0.57 -11.09
N PRO A 133 15.11 0.72 -11.38
CA PRO A 133 16.28 1.11 -12.17
C PRO A 133 17.60 0.64 -11.56
N PHE A 134 17.69 0.64 -10.23
CA PHE A 134 18.88 0.18 -9.53
C PHE A 134 19.07 -1.32 -9.77
N LEU A 135 17.99 -2.08 -9.65
CA LEU A 135 18.07 -3.52 -9.87
C LEU A 135 18.46 -3.85 -11.31
N ILE A 136 17.95 -3.08 -12.26
CA ILE A 136 18.29 -3.33 -13.65
C ILE A 136 19.75 -3.04 -13.98
N LYS A 137 20.25 -1.87 -13.58
CA LYS A 137 21.63 -1.53 -13.90
C LYS A 137 22.68 -2.32 -13.14
N THR A 138 22.28 -2.99 -12.05
CA THR A 138 23.23 -3.80 -11.30
C THR A 138 23.05 -5.28 -11.65
N ASN A 139 22.25 -5.53 -12.67
CA ASN A 139 21.98 -6.88 -13.15
C ASN A 139 21.50 -7.83 -12.06
N HIS A 140 20.59 -7.36 -11.22
CA HIS A 140 20.06 -8.20 -10.15
C HIS A 140 19.21 -9.31 -10.77
N TYR A 141 19.24 -10.50 -10.17
CA TYR A 141 18.49 -11.63 -10.72
C TYR A 141 16.99 -11.38 -10.87
N LEU A 142 16.42 -10.49 -10.06
CA LEU A 142 14.99 -10.20 -10.18
C LEU A 142 14.68 -9.45 -11.47
N ALA A 143 15.60 -8.59 -11.90
CA ALA A 143 15.39 -7.83 -13.13
C ALA A 143 15.36 -8.77 -14.34
N THR A 144 16.18 -9.82 -14.29
CA THR A 144 16.21 -10.78 -15.38
C THR A 144 14.95 -11.64 -15.33
N LEU A 145 14.64 -12.12 -14.13
CA LEU A 145 13.47 -12.96 -13.94
C LEU A 145 12.18 -12.33 -14.45
N TYR A 146 12.03 -11.02 -14.22
CA TYR A 146 10.81 -10.33 -14.66
C TYR A 146 10.98 -9.43 -15.88
N LYS A 147 12.06 -9.66 -16.62
CA LYS A 147 12.34 -8.93 -17.85
C LYS A 147 12.20 -7.41 -17.76
N ASN A 148 12.84 -6.82 -16.75
CA ASN A 148 12.81 -5.38 -16.55
C ASN A 148 11.43 -4.75 -16.57
N THR A 149 10.39 -5.54 -16.28
CA THR A 149 9.03 -5.00 -16.29
C THR A 149 8.37 -5.15 -14.92
N SER A 150 8.07 -4.01 -14.28
CA SER A 150 7.45 -4.01 -12.94
C SER A 150 8.15 -5.07 -12.11
N VAL A 151 9.48 -5.00 -12.09
CA VAL A 151 10.32 -5.95 -11.38
C VAL A 151 9.95 -6.13 -9.92
N LEU A 152 9.88 -5.03 -9.17
CA LEU A 152 9.55 -5.13 -7.76
C LEU A 152 8.16 -5.66 -7.52
N GLU A 153 7.18 -5.10 -8.21
CA GLU A 153 5.80 -5.51 -8.03
C GLU A 153 5.56 -6.98 -8.39
N ASN A 154 6.22 -7.46 -9.44
CA ASN A 154 6.07 -8.88 -9.78
C ASN A 154 6.69 -9.71 -8.67
N HIS A 155 7.79 -9.23 -8.11
CA HIS A 155 8.44 -9.95 -7.02
C HIS A 155 7.53 -10.00 -5.79
N HIS A 156 6.90 -8.87 -5.45
CA HIS A 156 6.01 -8.85 -4.29
C HIS A 156 4.85 -9.82 -4.52
N TRP A 157 4.29 -9.78 -5.72
CA TRP A 157 3.17 -10.64 -6.06
C TRP A 157 3.51 -12.13 -6.00
N ARG A 158 4.57 -12.54 -6.68
CA ARG A 158 4.93 -13.95 -6.66
C ARG A 158 5.33 -14.40 -5.26
N SER A 159 5.88 -13.47 -4.47
CA SER A 159 6.25 -13.81 -3.10
C SER A 159 4.97 -14.07 -2.31
N ALA A 160 3.95 -13.24 -2.56
CA ALA A 160 2.67 -13.39 -1.87
C ALA A 160 2.03 -14.72 -2.26
N VAL A 161 2.13 -15.08 -3.54
CA VAL A 161 1.57 -16.34 -4.02
C VAL A 161 2.26 -17.49 -3.28
N GLY A 162 3.56 -17.39 -3.13
CA GLY A 162 4.30 -18.43 -2.43
C GLY A 162 3.81 -18.62 -1.01
N LEU A 163 3.57 -17.52 -0.30
CA LEU A 163 3.10 -17.62 1.07
C LEU A 163 1.66 -18.12 1.14
N LEU A 164 0.84 -17.75 0.16
CA LEU A 164 -0.54 -18.22 0.13
C LEU A 164 -0.55 -19.74 0.04
N ARG A 165 0.25 -20.28 -0.88
CA ARG A 165 0.31 -21.71 -1.08
C ARG A 165 0.90 -22.46 0.11
N GLU A 166 1.98 -21.93 0.67
CA GLU A 166 2.63 -22.56 1.80
C GLU A 166 1.77 -22.60 3.06
N SER A 167 0.99 -21.55 3.29
CA SER A 167 0.14 -21.48 4.47
C SER A 167 -1.08 -22.40 4.41
N GLY A 168 -1.55 -22.70 3.20
CA GLY A 168 -2.71 -23.56 3.04
C GLY A 168 -3.97 -22.92 3.59
N LEU A 169 -3.94 -21.60 3.75
CA LEU A 169 -5.09 -20.87 4.28
C LEU A 169 -6.38 -21.08 3.51
N PHE A 170 -6.28 -21.32 2.20
CA PHE A 170 -7.46 -21.53 1.36
C PHE A 170 -7.49 -22.90 0.72
N SER A 171 -6.80 -23.86 1.34
CA SER A 171 -6.73 -25.21 0.82
C SER A 171 -8.10 -25.89 0.68
N HIS A 172 -9.09 -25.40 1.43
CA HIS A 172 -10.43 -25.98 1.39
C HIS A 172 -11.29 -25.44 0.25
N LEU A 173 -10.80 -24.40 -0.42
CA LEU A 173 -11.55 -23.82 -1.54
C LEU A 173 -11.07 -24.49 -2.81
N PRO A 174 -11.89 -24.48 -3.87
CA PRO A 174 -11.47 -25.11 -5.13
C PRO A 174 -10.21 -24.52 -5.75
N LEU A 175 -9.47 -25.35 -6.47
CA LEU A 175 -8.24 -24.93 -7.14
C LEU A 175 -8.48 -23.68 -7.98
N GLU A 176 -9.56 -23.72 -8.77
CA GLU A 176 -9.91 -22.58 -9.64
C GLU A 176 -10.02 -21.29 -8.85
N SER A 177 -10.59 -21.38 -7.65
CA SER A 177 -10.75 -20.21 -6.81
C SER A 177 -9.40 -19.71 -6.31
N ARG A 178 -8.51 -20.63 -5.94
CA ARG A 178 -7.20 -20.22 -5.47
C ARG A 178 -6.40 -19.58 -6.62
N GLN A 179 -6.55 -20.13 -7.81
CA GLN A 179 -5.86 -19.59 -8.97
C GLN A 179 -6.39 -18.19 -9.30
N GLN A 180 -7.70 -18.01 -9.20
CA GLN A 180 -8.31 -16.71 -9.48
C GLN A 180 -7.84 -15.70 -8.43
N MET A 181 -7.75 -16.16 -7.18
CA MET A 181 -7.29 -15.30 -6.11
C MET A 181 -5.89 -14.78 -6.43
N GLU A 182 -5.01 -15.69 -6.85
CA GLU A 182 -3.65 -15.29 -7.19
C GLU A 182 -3.63 -14.25 -8.30
N THR A 183 -4.45 -14.46 -9.32
CA THR A 183 -4.51 -13.54 -10.45
C THR A 183 -5.03 -12.15 -10.07
N GLN A 184 -6.14 -12.12 -9.33
CA GLN A 184 -6.74 -10.85 -8.94
C GLN A 184 -5.86 -10.07 -7.95
N ILE A 185 -5.17 -10.77 -7.07
CA ILE A 185 -4.27 -10.10 -6.13
C ILE A 185 -3.11 -9.53 -6.95
N GLY A 186 -2.70 -10.28 -7.97
CA GLY A 186 -1.62 -9.82 -8.83
C GLY A 186 -2.00 -8.52 -9.52
N ALA A 187 -3.24 -8.45 -10.02
CA ALA A 187 -3.71 -7.25 -10.71
C ALA A 187 -3.67 -6.05 -9.75
N LEU A 188 -4.01 -6.28 -8.49
CA LEU A 188 -3.99 -5.22 -7.49
C LEU A 188 -2.56 -4.78 -7.17
N ILE A 189 -1.69 -5.73 -6.88
CA ILE A 189 -0.31 -5.39 -6.56
C ILE A 189 0.42 -4.72 -7.73
N LEU A 190 0.21 -5.22 -8.95
CA LEU A 190 0.87 -4.62 -10.11
C LEU A 190 0.46 -3.17 -10.36
N ALA A 191 -0.75 -2.82 -9.94
CA ALA A 191 -1.23 -1.45 -10.12
C ALA A 191 -0.44 -0.46 -9.27
N THR A 192 0.31 -0.95 -8.29
CA THR A 192 1.08 -0.07 -7.42
C THR A 192 2.43 0.35 -7.99
N ASP A 193 2.75 -0.11 -9.21
CA ASP A 193 4.01 0.29 -9.86
C ASP A 193 3.79 1.76 -10.24
N ILE A 194 4.43 2.66 -9.50
CA ILE A 194 4.26 4.09 -9.74
C ILE A 194 4.63 4.55 -11.15
N SER A 195 5.56 3.85 -11.79
CA SER A 195 5.98 4.23 -13.13
C SER A 195 4.85 4.12 -14.15
N ARG A 196 3.77 3.45 -13.76
CA ARG A 196 2.63 3.29 -14.66
C ARG A 196 1.40 4.06 -14.20
N GLN A 197 1.58 5.01 -13.29
CA GLN A 197 0.44 5.78 -12.81
C GLN A 197 -0.32 6.51 -13.91
N ASN A 198 0.39 6.97 -14.94
CA ASN A 198 -0.29 7.68 -16.02
C ASN A 198 -1.33 6.80 -16.70
N GLU A 199 -1.01 5.52 -16.88
CA GLU A 199 -1.91 4.59 -17.52
C GLU A 199 -3.16 4.34 -16.69
N TYR A 200 -2.99 4.07 -15.40
CA TYR A 200 -4.13 3.84 -14.53
C TYR A 200 -4.95 5.10 -14.30
N LEU A 201 -4.27 6.21 -14.04
CA LEU A 201 -4.95 7.47 -13.79
C LEU A 201 -5.75 7.93 -15.01
N SER A 202 -5.15 7.83 -16.20
CA SER A 202 -5.84 8.24 -17.42
C SER A 202 -7.09 7.42 -17.65
N LEU A 203 -7.01 6.11 -17.41
CA LEU A 203 -8.13 5.22 -17.59
C LEU A 203 -9.26 5.56 -16.61
N PHE A 204 -8.88 5.75 -15.34
CA PHE A 204 -9.82 6.07 -14.29
C PHE A 204 -10.51 7.39 -14.65
N ARG A 205 -9.71 8.39 -15.01
CA ARG A 205 -10.21 9.70 -15.38
C ARG A 205 -11.23 9.60 -16.52
N SER A 206 -10.92 8.79 -17.53
CA SER A 206 -11.82 8.62 -18.68
C SER A 206 -13.16 8.07 -18.24
N HIS A 207 -13.14 7.03 -17.40
CA HIS A 207 -14.37 6.44 -16.92
C HIS A 207 -15.19 7.46 -16.15
N LEU A 208 -14.52 8.27 -15.35
CA LEU A 208 -15.22 9.28 -14.56
C LEU A 208 -15.82 10.34 -15.48
N ASP A 209 -15.12 10.66 -16.57
CA ASP A 209 -15.62 11.65 -17.53
C ASP A 209 -16.87 11.12 -18.23
N ARG A 210 -16.85 9.84 -18.58
CA ARG A 210 -17.98 9.21 -19.24
C ARG A 210 -19.11 8.90 -18.27
N GLY A 211 -18.75 8.74 -16.99
CA GLY A 211 -19.73 8.44 -15.96
C GLY A 211 -20.37 7.08 -16.19
N ASP A 212 -19.61 6.15 -16.74
CA ASP A 212 -20.13 4.82 -17.06
C ASP A 212 -19.66 3.70 -16.14
N LEU A 213 -19.11 4.05 -14.97
CA LEU A 213 -18.67 3.00 -14.05
C LEU A 213 -19.88 2.30 -13.44
N CYS A 214 -19.89 0.97 -13.56
CA CYS A 214 -20.96 0.15 -13.01
C CYS A 214 -20.30 -0.69 -11.92
N LEU A 215 -20.51 -0.32 -10.67
CA LEU A 215 -19.88 -1.04 -9.57
C LEU A 215 -20.35 -2.48 -9.35
N GLU A 216 -21.46 -2.86 -9.97
CA GLU A 216 -21.93 -4.24 -9.82
C GLU A 216 -21.22 -5.11 -10.85
N ASP A 217 -20.43 -4.47 -11.72
CA ASP A 217 -19.64 -5.19 -12.70
C ASP A 217 -18.30 -5.44 -12.02
N THR A 218 -17.86 -6.69 -12.00
CA THR A 218 -16.61 -7.05 -11.35
C THR A 218 -15.37 -6.35 -11.90
N ARG A 219 -15.28 -6.21 -13.22
CA ARG A 219 -14.12 -5.56 -13.81
C ARG A 219 -14.05 -4.07 -13.45
N HIS A 220 -15.18 -3.38 -13.50
CA HIS A 220 -15.20 -1.97 -13.14
C HIS A 220 -14.88 -1.83 -11.65
N ARG A 221 -15.46 -2.69 -10.83
CA ARG A 221 -15.23 -2.62 -9.39
C ARG A 221 -13.77 -2.87 -9.06
N HIS A 222 -13.12 -3.78 -9.77
CA HIS A 222 -11.72 -4.03 -9.47
C HIS A 222 -10.79 -2.93 -9.98
N LEU A 223 -11.24 -2.17 -10.99
CA LEU A 223 -10.43 -1.06 -11.46
C LEU A 223 -10.45 -0.06 -10.32
N VAL A 224 -11.62 0.11 -9.72
CA VAL A 224 -11.78 1.02 -8.60
C VAL A 224 -10.94 0.56 -7.41
N LEU A 225 -10.93 -0.75 -7.15
CA LEU A 225 -10.14 -1.27 -6.03
C LEU A 225 -8.65 -1.07 -6.29
N GLN A 226 -8.24 -1.20 -7.55
CA GLN A 226 -6.84 -0.97 -7.90
C GLN A 226 -6.51 0.50 -7.66
N MET A 227 -7.43 1.40 -7.97
CA MET A 227 -7.18 2.82 -7.75
C MET A 227 -7.15 3.09 -6.24
N ALA A 228 -7.99 2.40 -5.49
CA ALA A 228 -8.03 2.57 -4.04
C ALA A 228 -6.70 2.14 -3.42
N LEU A 229 -6.14 1.04 -3.90
CA LEU A 229 -4.86 0.56 -3.38
C LEU A 229 -3.76 1.54 -3.79
N LYS A 230 -3.84 2.11 -4.99
CA LYS A 230 -2.85 3.08 -5.43
C LYS A 230 -2.90 4.27 -4.46
N CYS A 231 -4.12 4.70 -4.12
CA CYS A 231 -4.29 5.81 -3.18
C CYS A 231 -3.69 5.45 -1.84
N ALA A 232 -4.00 4.25 -1.35
CA ALA A 232 -3.50 3.80 -0.06
C ALA A 232 -1.97 3.78 -0.03
N ASP A 233 -1.36 3.43 -1.14
CA ASP A 233 0.09 3.33 -1.24
C ASP A 233 0.80 4.69 -1.22
N ILE A 234 0.13 5.75 -1.65
CA ILE A 234 0.78 7.08 -1.63
C ILE A 234 -0.04 8.13 -0.88
N CYS A 235 -0.77 7.69 0.15
CA CYS A 235 -1.60 8.61 0.93
C CYS A 235 -0.87 9.24 2.11
N ASN A 236 0.43 8.99 2.26
CA ASN A 236 1.18 9.57 3.38
C ASN A 236 0.95 11.09 3.50
N PRO A 237 1.01 11.83 2.38
CA PRO A 237 0.80 13.27 2.45
C PRO A 237 -0.65 13.65 2.80
N CYS A 238 -1.55 12.69 2.69
CA CYS A 238 -2.96 12.92 2.97
C CYS A 238 -3.30 12.71 4.45
N ARG A 239 -2.31 12.29 5.23
CA ARG A 239 -2.51 12.09 6.66
C ARG A 239 -2.23 13.42 7.36
N THR A 240 -2.60 13.52 8.63
CA THR A 240 -2.35 14.75 9.38
C THR A 240 -0.83 14.95 9.47
N TRP A 241 -0.41 16.22 9.51
CA TRP A 241 1.00 16.58 9.56
C TRP A 241 1.92 15.73 10.45
N GLU A 242 1.52 15.47 11.69
CA GLU A 242 2.35 14.70 12.60
C GLU A 242 2.69 13.31 12.06
N LEU A 243 1.77 12.72 11.31
CA LEU A 243 2.02 11.40 10.71
C LEU A 243 2.78 11.57 9.39
N SER A 244 2.28 12.46 8.55
CA SER A 244 2.89 12.73 7.25
C SER A 244 4.39 13.06 7.37
N LYS A 245 4.72 13.90 8.35
CA LYS A 245 6.12 14.30 8.56
C LYS A 245 7.03 13.10 8.77
N GLN A 246 6.59 12.17 9.62
CA GLN A 246 7.37 10.98 9.91
C GLN A 246 7.57 10.12 8.66
N TRP A 247 6.51 9.96 7.88
CA TRP A 247 6.59 9.16 6.65
C TRP A 247 7.57 9.80 5.67
N SER A 248 7.54 11.12 5.55
CA SER A 248 8.43 11.83 4.63
C SER A 248 9.89 11.64 4.99
N GLU A 249 10.19 11.65 6.29
CA GLU A 249 11.58 11.48 6.73
C GLU A 249 12.07 10.07 6.46
N LYS A 250 11.19 9.10 6.68
CA LYS A 250 11.55 7.69 6.47
C LYS A 250 11.77 7.34 5.01
N VAL A 251 10.88 7.78 4.13
CA VAL A 251 11.04 7.46 2.71
C VAL A 251 12.26 8.16 2.13
N THR A 252 12.57 9.36 2.60
CA THR A 252 13.73 10.09 2.10
C THR A 252 15.01 9.44 2.60
N GLU A 253 14.96 8.90 3.81
CA GLU A 253 16.11 8.22 4.38
C GLU A 253 16.46 7.02 3.51
N GLU A 254 15.43 6.28 3.09
CA GLU A 254 15.63 5.11 2.24
C GLU A 254 16.18 5.53 0.88
N PHE A 255 15.62 6.58 0.29
CA PHE A 255 16.08 7.05 -1.02
C PHE A 255 17.55 7.44 -0.94
N PHE A 256 17.89 8.26 0.06
CA PHE A 256 19.26 8.71 0.21
C PHE A 256 20.25 7.59 0.47
N HIS A 257 19.79 6.51 1.11
CA HIS A 257 20.69 5.39 1.35
C HIS A 257 21.03 4.73 0.01
N GLN A 258 20.05 4.62 -0.88
CA GLN A 258 20.30 4.03 -2.19
C GLN A 258 21.31 4.93 -2.91
N GLY A 259 21.10 6.24 -2.77
CA GLY A 259 22.00 7.20 -3.40
C GLY A 259 23.43 7.08 -2.90
N ASP A 260 23.59 6.80 -1.61
CA ASP A 260 24.92 6.65 -1.03
C ASP A 260 25.62 5.45 -1.66
N ILE A 261 24.88 4.38 -1.89
CA ILE A 261 25.43 3.19 -2.50
C ILE A 261 25.83 3.50 -3.95
N GLU A 262 24.94 4.17 -4.68
CA GLU A 262 25.22 4.51 -6.06
C GLU A 262 26.46 5.39 -6.18
N LYS A 263 26.61 6.34 -5.27
CA LYS A 263 27.76 7.23 -5.30
C LYS A 263 29.04 6.46 -4.96
N LYS A 264 28.96 5.64 -3.92
CA LYS A 264 30.11 4.86 -3.46
C LYS A 264 30.64 3.89 -4.51
N TYR A 265 29.73 3.30 -5.30
CA TYR A 265 30.13 2.35 -6.30
C TYR A 265 30.03 2.81 -7.76
N HIS A 266 30.00 4.12 -7.95
CA HIS A 266 29.97 4.71 -9.30
C HIS A 266 28.88 4.11 -10.18
N LEU A 267 27.67 4.00 -9.65
CA LEU A 267 26.56 3.42 -10.40
C LEU A 267 25.67 4.48 -11.05
N GLY A 268 25.91 5.75 -10.72
CA GLY A 268 25.09 6.82 -11.24
C GLY A 268 23.99 7.00 -10.20
N VAL A 269 23.81 8.22 -9.70
CA VAL A 269 22.80 8.47 -8.68
C VAL A 269 21.41 8.66 -9.26
N SER A 270 20.47 7.86 -8.78
CA SER A 270 19.08 7.89 -9.24
C SER A 270 18.35 9.16 -8.82
N PRO A 271 17.29 9.53 -9.56
CA PRO A 271 16.54 10.73 -9.22
C PRO A 271 15.96 10.61 -7.80
N LEU A 272 15.95 11.71 -7.07
CA LEU A 272 15.42 11.78 -5.71
C LEU A 272 16.29 11.09 -4.67
N CYS A 273 17.44 10.57 -5.08
CA CYS A 273 18.31 9.86 -4.15
C CYS A 273 19.61 10.54 -3.74
N ASP A 274 19.87 11.72 -4.28
CA ASP A 274 21.11 12.44 -3.96
C ASP A 274 20.93 13.38 -2.77
N ARG A 275 21.46 13.00 -1.61
CA ARG A 275 21.32 13.81 -0.42
C ARG A 275 22.10 15.13 -0.50
N HIS A 276 22.98 15.23 -1.50
CA HIS A 276 23.79 16.43 -1.66
C HIS A 276 23.22 17.48 -2.60
N THR A 277 22.32 17.07 -3.50
CA THR A 277 21.74 18.01 -4.45
C THR A 277 20.21 18.05 -4.47
N GLU A 278 19.57 17.08 -3.82
CA GLU A 278 18.12 17.04 -3.79
C GLU A 278 17.56 17.19 -2.39
N SER A 279 16.84 18.29 -2.19
CA SER A 279 16.24 18.61 -0.90
C SER A 279 15.01 17.78 -0.57
N ILE A 280 14.89 17.39 0.69
CA ILE A 280 13.73 16.62 1.15
C ILE A 280 12.46 17.44 0.92
N ALA A 281 12.59 18.75 1.07
CA ALA A 281 11.47 19.65 0.89
C ALA A 281 10.97 19.59 -0.55
N ASN A 282 11.88 19.70 -1.50
CA ASN A 282 11.51 19.67 -2.90
C ASN A 282 11.03 18.29 -3.34
N ILE A 283 11.58 17.25 -2.72
CA ILE A 283 11.16 15.89 -3.05
C ILE A 283 9.70 15.72 -2.66
N GLN A 284 9.37 16.13 -1.44
CA GLN A 284 8.00 16.02 -0.96
C GLN A 284 7.02 16.90 -1.74
N ILE A 285 7.42 18.14 -1.99
CA ILE A 285 6.57 19.07 -2.73
C ILE A 285 6.26 18.54 -4.13
N GLY A 286 7.29 18.06 -4.83
CA GLY A 286 7.10 17.53 -6.16
C GLY A 286 6.19 16.31 -6.17
N PHE A 287 6.42 15.42 -5.20
CA PHE A 287 5.64 14.20 -5.06
C PHE A 287 4.16 14.52 -4.84
N MET A 288 3.90 15.48 -3.96
CA MET A 288 2.54 15.88 -3.65
C MET A 288 1.86 16.57 -4.83
N THR A 289 2.60 17.42 -5.52
CA THR A 289 2.05 18.15 -6.66
C THR A 289 1.76 17.32 -7.90
N TYR A 290 2.72 16.48 -8.28
CA TYR A 290 2.59 15.69 -9.50
C TYR A 290 2.04 14.27 -9.43
N LEU A 291 2.11 13.64 -8.26
CA LEU A 291 1.62 12.28 -8.11
C LEU A 291 0.43 12.14 -7.18
N VAL A 292 0.53 12.72 -5.98
CA VAL A 292 -0.54 12.63 -5.00
C VAL A 292 -1.80 13.42 -5.34
N GLU A 293 -1.66 14.72 -5.54
CA GLU A 293 -2.85 15.53 -5.82
C GLU A 293 -3.64 15.09 -7.06
N PRO A 294 -2.94 14.75 -8.17
CA PRO A 294 -3.73 14.33 -9.34
C PRO A 294 -4.57 13.09 -9.04
N LEU A 295 -3.95 12.10 -8.40
CA LEU A 295 -4.65 10.87 -8.06
C LEU A 295 -5.81 11.08 -7.10
N PHE A 296 -5.58 11.84 -6.04
CA PHE A 296 -6.64 12.06 -5.07
C PHE A 296 -7.74 13.00 -5.54
N THR A 297 -7.45 13.80 -6.56
CA THR A 297 -8.46 14.70 -7.10
C THR A 297 -9.43 13.84 -7.88
N GLU A 298 -8.90 12.88 -8.65
CA GLU A 298 -9.74 11.99 -9.43
C GLU A 298 -10.51 11.09 -8.47
N TRP A 299 -9.85 10.65 -7.40
CA TRP A 299 -10.52 9.79 -6.43
C TRP A 299 -11.70 10.55 -5.82
N ALA A 300 -11.50 11.84 -5.57
CA ALA A 300 -12.55 12.67 -4.98
C ALA A 300 -13.75 12.80 -5.92
N ARG A 301 -13.51 12.67 -7.23
CA ARG A 301 -14.59 12.75 -8.21
C ARG A 301 -15.44 11.48 -8.08
N PHE A 302 -14.75 10.35 -7.87
CA PHE A 302 -15.42 9.07 -7.73
C PHE A 302 -16.17 8.99 -6.41
N SER A 303 -15.45 9.25 -5.31
CA SER A 303 -16.03 9.21 -3.97
C SER A 303 -15.99 10.62 -3.39
N ASN A 304 -17.01 11.41 -3.69
CA ASN A 304 -17.11 12.79 -3.24
C ASN A 304 -17.65 12.83 -1.80
N THR A 305 -16.79 12.47 -0.85
CA THR A 305 -17.15 12.41 0.56
C THR A 305 -16.29 13.33 1.42
N ARG A 306 -16.56 13.33 2.72
CA ARG A 306 -15.80 14.15 3.65
C ARG A 306 -14.36 13.62 3.74
N LEU A 307 -14.20 12.30 3.69
CA LEU A 307 -12.87 11.71 3.76
C LEU A 307 -12.01 12.19 2.59
N SER A 308 -12.57 12.20 1.39
CA SER A 308 -11.82 12.65 0.22
C SER A 308 -11.43 14.11 0.34
N GLN A 309 -12.31 14.92 0.92
CA GLN A 309 -11.98 16.34 1.08
C GLN A 309 -10.95 16.50 2.19
N THR A 310 -11.05 15.66 3.21
CA THR A 310 -10.09 15.71 4.33
C THR A 310 -8.70 15.35 3.84
N MET A 311 -8.61 14.31 3.00
CA MET A 311 -7.32 13.90 2.48
C MET A 311 -6.69 14.98 1.63
N LEU A 312 -7.47 15.57 0.72
CA LEU A 312 -6.96 16.63 -0.13
C LEU A 312 -6.58 17.85 0.70
N GLY A 313 -7.33 18.08 1.78
CA GLY A 313 -7.05 19.21 2.65
C GLY A 313 -5.69 19.07 3.29
N HIS A 314 -5.38 17.86 3.75
CA HIS A 314 -4.11 17.60 4.39
C HIS A 314 -2.93 17.76 3.44
N VAL A 315 -3.08 17.31 2.19
CA VAL A 315 -1.99 17.45 1.23
C VAL A 315 -1.70 18.92 1.03
N GLY A 316 -2.76 19.73 0.95
CA GLY A 316 -2.59 21.16 0.77
C GLY A 316 -1.81 21.78 1.92
N LEU A 317 -2.18 21.44 3.15
CA LEU A 317 -1.53 21.96 4.34
C LEU A 317 -0.08 21.48 4.44
N ASN A 318 0.11 20.17 4.34
CA ASN A 318 1.45 19.59 4.45
C ASN A 318 2.38 20.12 3.37
N LYS A 319 1.83 20.31 2.17
CA LYS A 319 2.60 20.82 1.05
C LYS A 319 3.08 22.22 1.38
N ALA A 320 2.20 23.01 1.99
CA ALA A 320 2.51 24.38 2.38
C ALA A 320 3.57 24.40 3.49
N SER A 321 3.51 23.42 4.38
CA SER A 321 4.46 23.33 5.48
C SER A 321 5.88 23.12 4.98
N TRP A 322 6.04 22.30 3.94
CA TRP A 322 7.35 22.04 3.38
C TRP A 322 7.89 23.28 2.67
N LYS A 323 7.01 24.01 1.99
CA LYS A 323 7.42 25.22 1.30
C LYS A 323 7.86 26.23 2.35
N GLY A 324 7.20 26.19 3.50
CA GLY A 324 7.53 27.10 4.58
C GLY A 324 8.91 26.81 5.13
N LEU A 325 9.27 25.53 5.15
CA LEU A 325 10.58 25.12 5.66
C LEU A 325 11.66 25.45 4.65
N GLN A 326 11.47 26.57 3.93
CA GLN A 326 12.42 27.03 2.93
C GLN A 326 12.51 28.55 2.98
ZN ZN B . 4.02 0.50 -0.93
MG MG C . 5.78 -0.97 -4.01
N9 IBM D . 5.75 6.86 -1.68
C8 IBM D . 5.46 7.24 -0.39
N7 IBM D . 5.99 8.38 -0.04
C5 IBM D . 6.69 8.78 -1.18
C4 IBM D . 6.53 7.86 -2.19
N3 IBM D . 7.05 7.92 -3.44
C2 IBM D . 7.80 9.04 -3.69
N1 IBM D . 8.01 10.02 -2.73
C6 IBM D . 7.45 9.90 -1.47
O6 IBM D . 7.62 10.76 -0.62
O2 IBM D . 8.31 9.17 -4.80
C10 IBM D . 8.82 11.18 -3.04
C11 IBM D . 6.80 6.90 -4.45
C12 IBM D . 7.90 5.82 -4.38
C13 IBM D . 9.22 6.26 -4.98
C14 IBM D . 8.09 5.19 -3.01
#